data_7ZCF
#
_entry.id   7ZCF
#
_cell.length_a   1.00
_cell.length_b   1.00
_cell.length_c   1.00
_cell.angle_alpha   90.00
_cell.angle_beta   90.00
_cell.angle_gamma   90.00
#
_symmetry.space_group_name_H-M   'P 1'
#
loop_
_entity.id
_entity.type
_entity.pdbx_description
1 polymer 'Spike glycoprotein,Fibritin'
2 polymer 'scFv76 single chain fragment'
3 non-polymer 2-acetamido-2-deoxy-beta-D-glucopyranose
#
loop_
_entity_poly.entity_id
_entity_poly.type
_entity_poly.pdbx_seq_one_letter_code
_entity_poly.pdbx_strand_id
1 'polypeptide(L)'
;MFVFLVLLPLVSSQCVNLTTRTQLPPAYTNSFTRGVYYPDKVFRSSVLHSTQDLFLPFFSNVTWFHAIHVSGTNGTKRFD
NPVLPFNDGVYFASTEKSNIIRGWIFGTTLDSKTQSLLIVNNATNVVIKVCEFQFCNDPFLGVYYHKNNKSWMESEFRVY
SSANNCTFEYVSQPFLMDLEGKQGNFKNLREFVFKNIDGYFKIYSKHTPINLVRDLPQGFSALEPLVDLPIGINITRFQT
LLALHRSYLTPGDSSSGWTAGAAAYYVGYLQPRTFLLKYNENGTITDAVDCALDPLSETKCTLKSFTVEKGIYQTSNFRV
QPTESIVRFPNITNLCPFGEVFNATRFASVYAWNRKRISNCVADYSVLYNSASFSTFKCYGVSPTKLNDLCFTNVYADSF
VIRGDEVRQIAPGQTGKIADYNYKLPDDFTGCVIAWNSNNLDSKVGGNYNYLYRLFRKSNLKPFERDISTEIYQAGSTPC
NGVEGFNCYFPLQSYGFQPTNGVGYQPYRVVVLSFELLHAPATVCGPKKSTNLVKNKCVNFNFNGLTGTGVLTESNKKFL
PFQQFGRDIADTTDAVRDPQTLEILDITPCSFGGVSVITPGTNTSNQVAVLYQDVNCTEVPVAIHADQLTPTWRVYSTGS
NVFQTRAGCLIGAEHVNNSYECDIPIGAGICASYQTQTNSPGSASSVASQSIIAYTMSLGAENSVAYSNNSIAIPTNFTI
SVTTEILPVSMTKTSVDCTMYICGDSTECSNLLLQYGSFCTQLNRALTGIAVEQDKNTQEVFAQVKQIYKTPPIKDFGGF
NFSQILPDPSKPSKRSPIEDLLFNKVTLADAGFIKQYGDCLGDIAARDLICAQKFNGLTVLPPLLTDEMIAQYTSALLAG
TITSGWTFGAGPALQIPFPMQMAYRFNGIGVTQNVLYENQKLIANQFNSAIGKIQDSLSSTPSALGKLQDVVNQNAQALN
TLVKQLSSNFGAISSVLNDILSRLDPPEAEVQIDRLITGRLQSLQTYVTQQLIRAAEIRASANLAATKMSECVLGQSKRV
DFCGKGYHLMSFPQSAPHGVVFLHVTYVPAQEKNFTTAPAICHDGKAHFPREGVFVSNGTHWFVTQRNFYEPQIITTDNT
FVSGNCDVVIGIVNNTVYDPLQPELDSFKEELDKYFKNHTSPDVDLGDISGINASVVNIQKEIDRLNEVAKNLNESLIDL
QELGKYEQGSGYIPEAPRDGQAYVRKDGEWVLLSTFLGRSLEVLFQGPGHHHHHHHHSAWSHPQFEKGGGSGGGGSGGSA
WSHPQFEK
;
C
2 'polypeptide(L)'
;RTMEEVQLLQSAGGLVQPGGSLRLSCAASGFTVSANYMSWVRQAPGKGLEWVSVIYPGGSTFYADSVKGRFTISRDNSKN
TLYLQMNSLRVEDTAVYYCARDLSVAGAFDIWGQGTLVTVSSGGGGSGGGGSGGGGSEIVLTQSPGTLSLSPGERATLSC
RASQSVSSSYLAWYQQKPGQAPRLLIYGASSRATGIPDRFSGSGSGTDFTLTISRLEPEDFAVYYCQQYGSSPYTFGQGT
KLEIKRAAAGDYKDDDDKHHHHHH
;
E
#
loop_
_chem_comp.id
_chem_comp.type
_chem_comp.name
_chem_comp.formula
NAG D-saccharide, beta linking 2-acetamido-2-deoxy-beta-D-glucopyranose 'C8 H15 N O6'
#
# COMPACT_ATOMS: atom_id res chain seq x y z
N PHE A 329 -7.96 33.78 36.04
CA PHE A 329 -7.37 34.20 34.78
C PHE A 329 -7.76 35.63 34.43
N PRO A 330 -6.87 36.35 33.74
CA PRO A 330 -7.21 37.71 33.30
C PRO A 330 -8.27 37.72 32.21
N ASN A 331 -8.58 38.89 31.69
CA ASN A 331 -9.64 39.01 30.68
C ASN A 331 -9.34 38.14 29.45
N ILE A 332 -8.23 38.40 28.77
CA ILE A 332 -7.79 37.53 27.69
C ILE A 332 -6.27 37.63 27.55
N THR A 333 -5.59 36.50 27.66
CA THR A 333 -4.15 36.48 27.44
C THR A 333 -3.80 36.85 26.01
N ASN A 334 -4.22 36.02 25.05
CA ASN A 334 -4.01 36.24 23.64
C ASN A 334 -4.76 35.17 22.87
N LEU A 335 -5.17 35.51 21.65
CA LEU A 335 -5.81 34.53 20.78
C LEU A 335 -4.80 33.46 20.40
N CYS A 336 -5.23 32.20 20.47
CA CYS A 336 -4.34 31.09 20.17
C CYS A 336 -3.99 31.08 18.68
N PRO A 337 -2.76 30.69 18.33
CA PRO A 337 -2.40 30.58 16.92
C PRO A 337 -3.00 29.34 16.26
N PHE A 338 -3.95 28.72 16.95
CA PHE A 338 -4.52 27.44 16.51
C PHE A 338 -5.20 27.55 15.15
N GLY A 339 -5.70 28.74 14.78
CA GLY A 339 -6.32 28.89 13.47
C GLY A 339 -5.34 28.70 12.33
N GLU A 340 -4.08 29.07 12.55
CA GLU A 340 -3.07 28.93 11.50
C GLU A 340 -2.83 27.46 11.17
N VAL A 341 -2.96 26.58 12.15
CA VAL A 341 -2.77 25.15 11.89
C VAL A 341 -3.82 24.65 10.89
N PHE A 342 -5.08 25.08 11.07
CA PHE A 342 -6.12 24.65 10.15
C PHE A 342 -6.02 25.35 8.79
N ASN A 343 -5.69 26.64 8.77
CA ASN A 343 -5.78 27.43 7.55
C ASN A 343 -4.44 28.10 7.24
N ALA A 344 -3.38 27.32 7.27
CA ALA A 344 -2.07 27.79 6.81
C ALA A 344 -1.99 27.64 5.29
N THR A 345 -0.81 27.84 4.73
CA THR A 345 -0.59 27.78 3.29
C THR A 345 0.25 26.58 2.86
N ARG A 346 1.38 26.37 3.50
CA ARG A 346 2.32 25.30 3.13
C ARG A 346 2.33 24.25 4.23
N PHE A 347 2.17 22.98 3.83
CA PHE A 347 2.20 21.86 4.75
C PHE A 347 3.31 20.89 4.38
N ALA A 348 3.80 20.17 5.38
CA ALA A 348 4.87 19.20 5.18
C ALA A 348 4.30 17.84 4.84
N SER A 349 5.10 17.04 4.12
CA SER A 349 4.68 15.73 3.70
C SER A 349 4.71 14.74 4.87
N VAL A 350 4.26 13.52 4.60
CA VAL A 350 4.09 12.53 5.66
C VAL A 350 5.43 12.04 6.19
N TYR A 351 6.47 11.99 5.33
CA TYR A 351 7.75 11.44 5.79
C TYR A 351 8.35 12.34 6.87
N ALA A 352 8.21 13.65 6.72
CA ALA A 352 8.67 14.63 7.70
C ALA A 352 7.43 15.31 8.28
N TRP A 353 6.86 14.69 9.30
CA TRP A 353 5.68 15.24 9.96
C TRP A 353 6.07 16.42 10.86
N ASN A 354 5.33 17.52 10.73
CA ASN A 354 5.61 18.72 11.51
C ASN A 354 4.63 18.85 12.67
N ARG A 355 5.13 19.47 13.74
CA ARG A 355 4.40 19.66 14.99
C ARG A 355 4.43 21.14 15.37
N LYS A 356 3.49 21.51 16.24
CA LYS A 356 3.47 22.87 16.79
C LYS A 356 2.82 22.81 18.16
N ARG A 357 3.57 23.20 19.19
CA ARG A 357 3.03 23.28 20.53
C ARG A 357 2.26 24.58 20.71
N ILE A 358 1.07 24.48 21.30
CA ILE A 358 0.24 25.65 21.57
C ILE A 358 0.65 26.20 22.94
N SER A 359 1.06 27.46 22.97
CA SER A 359 1.56 28.08 24.19
C SER A 359 0.40 28.51 25.08
N ASN A 360 0.70 29.30 26.09
CA ASN A 360 -0.32 29.73 27.05
C ASN A 360 -1.30 30.69 26.38
N CYS A 361 -2.54 30.25 26.21
CA CYS A 361 -3.61 31.09 25.67
C CYS A 361 -4.94 30.48 26.10
N VAL A 362 -6.01 31.23 25.89
CA VAL A 362 -7.35 30.79 26.24
C VAL A 362 -7.87 29.89 25.11
N ALA A 363 -8.28 28.68 25.47
CA ALA A 363 -8.69 27.69 24.46
C ALA A 363 -9.88 28.19 23.66
N ASP A 364 -9.81 28.01 22.35
CA ASP A 364 -10.86 28.40 21.42
C ASP A 364 -11.26 27.18 20.61
N TYR A 365 -12.21 26.39 21.13
CA TYR A 365 -12.67 25.18 20.48
C TYR A 365 -14.14 25.23 20.08
N SER A 366 -14.87 26.28 20.45
CA SER A 366 -16.28 26.37 20.09
C SER A 366 -16.48 26.50 18.58
N VAL A 367 -15.45 26.97 17.86
CA VAL A 367 -15.56 27.13 16.41
C VAL A 367 -15.24 25.87 15.65
N LEU A 368 -15.06 24.73 16.34
CA LEU A 368 -14.71 23.49 15.66
C LEU A 368 -15.94 22.65 15.34
N TYR A 369 -16.72 22.29 16.36
CA TYR A 369 -17.88 21.44 16.14
C TYR A 369 -19.02 22.18 15.44
N ASN A 370 -18.99 23.50 15.41
CA ASN A 370 -20.02 24.28 14.72
C ASN A 370 -19.75 24.46 13.24
N SER A 371 -18.56 24.12 12.76
CA SER A 371 -18.23 24.28 11.35
C SER A 371 -18.69 23.06 10.57
N ALA A 372 -19.37 23.31 9.44
CA ALA A 372 -19.89 22.24 8.60
C ALA A 372 -18.87 21.67 7.63
N SER A 373 -17.69 22.30 7.51
CA SER A 373 -16.69 21.80 6.59
C SER A 373 -16.04 20.52 7.10
N PHE A 374 -16.23 20.20 8.38
CA PHE A 374 -15.61 19.02 8.96
C PHE A 374 -16.51 17.81 8.81
N SER A 375 -15.92 16.69 8.42
CA SER A 375 -16.70 15.48 8.17
C SER A 375 -16.12 14.22 8.80
N THR A 376 -14.96 14.29 9.44
CA THR A 376 -14.32 13.13 10.07
C THR A 376 -13.86 13.50 11.48
N PHE A 377 -14.77 14.12 12.24
CA PHE A 377 -14.46 14.52 13.60
C PHE A 377 -14.75 13.38 14.57
N LYS A 378 -14.18 12.21 14.30
CA LYS A 378 -14.33 11.04 15.16
C LYS A 378 -13.04 10.86 15.95
N CYS A 379 -13.15 10.84 17.27
CA CYS A 379 -11.96 10.75 18.12
C CYS A 379 -12.33 10.14 19.46
N TYR A 380 -11.44 9.31 19.98
CA TYR A 380 -11.65 8.62 21.25
C TYR A 380 -10.90 9.33 22.36
N GLY A 381 -11.57 9.54 23.48
CA GLY A 381 -10.97 10.24 24.61
C GLY A 381 -12.01 10.97 25.44
N VAL A 382 -11.79 12.27 25.66
CA VAL A 382 -12.77 13.06 26.39
C VAL A 382 -14.02 13.28 25.52
N SER A 383 -15.08 13.73 26.17
CA SER A 383 -16.34 13.94 25.46
C SER A 383 -16.17 15.06 24.43
N PRO A 384 -16.78 14.94 23.25
CA PRO A 384 -16.64 15.98 22.23
C PRO A 384 -17.48 17.21 22.50
N THR A 385 -18.10 17.28 23.68
CA THR A 385 -18.92 18.42 24.06
C THR A 385 -18.37 19.23 25.23
N LYS A 386 -17.67 18.60 26.17
CA LYS A 386 -17.09 19.30 27.32
C LYS A 386 -15.65 19.75 27.04
N LEU A 387 -15.46 20.39 25.90
CA LEU A 387 -14.12 20.85 25.53
C LEU A 387 -13.69 22.09 26.30
N ASN A 388 -14.65 22.94 26.68
CA ASN A 388 -14.32 24.15 27.43
C ASN A 388 -14.10 23.89 28.91
N ASP A 389 -14.33 22.67 29.39
CA ASP A 389 -14.13 22.31 30.79
C ASP A 389 -12.87 21.48 31.00
N LEU A 390 -11.88 21.61 30.12
CA LEU A 390 -10.66 20.83 30.18
C LEU A 390 -9.46 21.73 30.43
N CYS A 391 -8.49 21.21 31.18
CA CYS A 391 -7.29 21.93 31.56
C CYS A 391 -6.05 21.07 31.38
N PHE A 392 -5.92 20.47 30.19
CA PHE A 392 -4.72 19.69 29.87
C PHE A 392 -3.48 20.58 29.94
N THR A 393 -2.38 20.00 30.41
CA THR A 393 -1.19 20.79 30.70
C THR A 393 -0.60 21.40 29.43
N ASN A 394 -0.42 20.59 28.38
CA ASN A 394 0.15 21.06 27.14
C ASN A 394 -0.48 20.34 25.96
N VAL A 395 -0.65 21.07 24.86
CA VAL A 395 -1.31 20.56 23.67
C VAL A 395 -0.42 20.79 22.45
N TYR A 396 -0.35 19.76 21.62
CA TYR A 396 0.40 19.78 20.36
C TYR A 396 -0.56 19.61 19.19
N ALA A 397 -0.22 20.22 18.07
CA ALA A 397 -0.94 20.03 16.82
C ALA A 397 0.04 19.48 15.79
N ASP A 398 -0.28 18.32 15.23
CA ASP A 398 0.58 17.64 14.26
C ASP A 398 -0.12 17.65 12.91
N SER A 399 0.63 17.92 11.84
CA SER A 399 -0.01 18.02 10.54
C SER A 399 0.69 17.16 9.50
N PHE A 400 -0.09 16.54 8.62
CA PHE A 400 0.46 15.77 7.51
C PHE A 400 -0.60 15.66 6.41
N VAL A 401 -0.17 15.15 5.25
CA VAL A 401 -0.97 15.25 4.03
C VAL A 401 -1.24 13.86 3.46
N ILE A 402 -1.46 12.88 4.34
CA ILE A 402 -1.83 11.55 3.86
C ILE A 402 -3.09 11.64 3.00
N ARG A 403 -3.19 10.75 2.02
CA ARG A 403 -4.16 10.87 0.94
C ARG A 403 -5.26 9.84 1.05
N GLY A 404 -6.50 10.31 0.89
CA GLY A 404 -7.64 9.44 0.61
C GLY A 404 -7.94 8.44 1.71
N ASP A 405 -8.49 7.29 1.29
CA ASP A 405 -8.98 6.26 2.19
C ASP A 405 -7.90 5.72 3.13
N GLU A 406 -6.65 6.11 2.93
CA GLU A 406 -5.57 5.77 3.86
C GLU A 406 -5.74 6.44 5.22
N VAL A 407 -6.65 7.41 5.33
CA VAL A 407 -6.82 8.13 6.59
C VAL A 407 -7.36 7.23 7.69
N ARG A 408 -8.24 6.27 7.36
CA ARG A 408 -8.94 5.51 8.39
C ARG A 408 -8.00 4.67 9.24
N GLN A 409 -6.76 4.47 8.81
CA GLN A 409 -5.77 3.74 9.59
C GLN A 409 -5.34 4.49 10.84
N ILE A 410 -5.70 5.77 10.98
CA ILE A 410 -5.44 6.51 12.20
C ILE A 410 -6.52 6.16 13.21
N ALA A 411 -6.16 5.38 14.22
CA ALA A 411 -7.13 4.85 15.17
C ALA A 411 -6.37 4.36 16.39
N PRO A 412 -7.07 4.08 17.51
CA PRO A 412 -6.38 3.53 18.69
C PRO A 412 -5.86 2.12 18.46
N GLY A 413 -4.77 2.01 17.71
CA GLY A 413 -4.13 0.73 17.47
C GLY A 413 -4.46 0.16 16.11
N GLN A 414 -3.56 0.35 15.14
CA GLN A 414 -3.73 -0.14 13.79
C GLN A 414 -2.36 -0.47 13.22
N THR A 415 -2.35 -1.16 12.08
CA THR A 415 -1.12 -1.44 11.36
C THR A 415 -1.40 -1.30 9.87
N GLY A 416 -0.35 -0.96 9.13
CA GLY A 416 -0.50 -0.80 7.69
C GLY A 416 0.66 -0.02 7.12
N LYS A 417 0.56 0.22 5.81
CA LYS A 417 1.61 0.91 5.08
C LYS A 417 1.85 2.32 5.63
N ILE A 418 0.84 2.92 6.25
CA ILE A 418 1.01 4.25 6.82
C ILE A 418 1.34 4.17 8.32
N ALA A 419 0.59 3.42 9.11
CA ALA A 419 0.92 3.29 10.53
C ALA A 419 1.79 2.08 10.81
N ASP A 420 2.83 1.90 9.99
CA ASP A 420 3.94 1.00 10.29
C ASP A 420 5.28 1.70 10.26
N TYR A 421 5.55 2.49 9.20
CA TYR A 421 6.82 3.17 9.03
C TYR A 421 6.63 4.68 8.95
N ASN A 422 5.60 5.19 9.61
CA ASN A 422 5.22 6.60 9.57
C ASN A 422 4.40 6.89 10.83
N TYR A 423 3.62 7.97 10.80
CA TYR A 423 2.75 8.37 11.91
C TYR A 423 2.10 7.17 12.57
N LYS A 424 2.32 7.02 13.87
CA LYS A 424 1.77 5.92 14.65
C LYS A 424 1.07 6.47 15.88
N LEU A 425 -0.06 5.84 16.22
CA LEU A 425 -0.87 6.27 17.35
C LEU A 425 -0.75 5.28 18.49
N PRO A 426 -0.36 5.73 19.69
CA PRO A 426 -0.35 4.83 20.85
C PRO A 426 -1.75 4.59 21.38
N ASP A 427 -1.86 3.88 22.50
CA ASP A 427 -3.15 3.66 23.14
C ASP A 427 -3.54 4.79 24.07
N ASP A 428 -2.67 5.80 24.24
CA ASP A 428 -2.90 6.94 25.12
C ASP A 428 -2.70 8.24 24.36
N PHE A 429 -3.33 8.34 23.18
CA PHE A 429 -3.15 9.49 22.29
C PHE A 429 -4.15 10.60 22.57
N THR A 430 -4.61 10.72 23.81
CA THR A 430 -5.74 11.58 24.19
C THR A 430 -5.76 12.88 23.41
N GLY A 431 -6.89 13.20 22.83
CA GLY A 431 -7.04 14.29 21.90
C GLY A 431 -7.99 13.88 20.79
N CYS A 432 -7.78 14.46 19.61
CA CYS A 432 -8.66 14.17 18.49
C CYS A 432 -7.90 14.24 17.17
N VAL A 433 -8.53 13.73 16.12
CA VAL A 433 -7.99 13.71 14.77
C VAL A 433 -8.99 14.35 13.84
N ILE A 434 -8.50 15.18 12.92
CA ILE A 434 -9.34 15.97 12.02
C ILE A 434 -8.85 15.76 10.60
N ALA A 435 -9.78 15.51 9.69
CA ALA A 435 -9.50 15.34 8.27
C ALA A 435 -10.15 16.48 7.47
N TRP A 436 -9.55 16.78 6.33
CA TRP A 436 -10.00 17.84 5.44
C TRP A 436 -10.43 17.25 4.10
N ASN A 437 -10.73 18.13 3.15
CA ASN A 437 -11.05 17.76 1.78
C ASN A 437 -10.10 18.45 0.83
N SER A 438 -9.64 17.72 -0.17
CA SER A 438 -8.70 18.27 -1.14
C SER A 438 -9.44 18.92 -2.30
N ASN A 439 -8.74 19.81 -2.99
CA ASN A 439 -9.32 20.54 -4.12
C ASN A 439 -8.16 21.02 -5.00
N ASN A 440 -8.46 21.96 -5.90
CA ASN A 440 -7.43 22.52 -6.77
C ASN A 440 -6.38 23.31 -6.02
N LEU A 441 -6.63 23.64 -4.74
CA LEU A 441 -5.64 24.38 -3.96
C LEU A 441 -4.35 23.58 -3.81
N ASP A 442 -4.46 22.28 -3.57
CA ASP A 442 -3.30 21.39 -3.45
C ASP A 442 -3.41 20.35 -4.56
N SER A 443 -2.95 20.72 -5.75
CA SER A 443 -2.98 19.87 -6.94
C SER A 443 -2.25 20.61 -8.05
N LYS A 444 -1.96 19.89 -9.13
CA LYS A 444 -1.31 20.46 -10.30
C LYS A 444 -1.77 19.72 -11.54
N VAL A 445 -1.95 20.47 -12.63
CA VAL A 445 -2.33 19.86 -13.89
C VAL A 445 -1.22 18.93 -14.39
N GLY A 446 0.03 19.37 -14.30
CA GLY A 446 1.15 18.49 -14.61
C GLY A 446 1.30 17.37 -13.60
N GLY A 447 1.09 17.67 -12.33
CA GLY A 447 1.21 16.69 -11.27
C GLY A 447 2.07 17.21 -10.13
N ASN A 448 2.04 16.45 -9.04
CA ASN A 448 2.81 16.75 -7.83
C ASN A 448 3.88 15.69 -7.66
N TYR A 449 5.13 16.13 -7.54
CA TYR A 449 6.26 15.22 -7.36
C TYR A 449 7.16 15.63 -6.19
N ASN A 450 6.72 16.58 -5.37
CA ASN A 450 7.49 17.03 -4.21
C ASN A 450 7.01 16.37 -2.92
N TYR A 451 6.10 15.41 -3.00
CA TYR A 451 5.57 14.72 -1.83
C TYR A 451 6.12 13.30 -1.79
N LEU A 452 6.67 12.92 -0.65
CA LEU A 452 7.29 11.61 -0.47
C LEU A 452 6.67 10.89 0.71
N TYR A 453 6.76 9.56 0.68
CA TYR A 453 6.25 8.74 1.76
C TYR A 453 7.13 7.50 1.93
N ARG A 454 7.35 7.11 3.17
CA ARG A 454 8.17 5.94 3.46
C ARG A 454 7.45 4.67 3.01
N LEU A 455 8.20 3.75 2.40
CA LEU A 455 7.61 2.52 1.89
C LEU A 455 8.42 1.30 2.31
N PHE A 456 9.72 1.49 2.58
CA PHE A 456 10.58 0.39 3.02
C PHE A 456 11.25 0.78 4.33
N ARG A 457 11.10 -0.07 5.34
CA ARG A 457 11.81 0.04 6.60
C ARG A 457 12.15 -1.35 7.11
N LYS A 458 12.75 -1.42 8.29
CA LYS A 458 13.15 -2.69 8.88
C LYS A 458 12.43 -3.04 10.17
N SER A 459 11.73 -2.11 10.79
CA SER A 459 11.01 -2.38 12.03
C SER A 459 9.90 -1.36 12.21
N ASN A 460 8.93 -1.71 13.05
CA ASN A 460 7.82 -0.82 13.34
C ASN A 460 8.28 0.37 14.16
N LEU A 461 7.70 1.54 13.88
CA LEU A 461 8.04 2.75 14.60
C LEU A 461 7.36 2.79 15.97
N LYS A 462 8.09 3.28 16.97
CA LYS A 462 7.49 3.54 18.25
C LYS A 462 6.54 4.73 18.14
N PRO A 463 5.55 4.83 19.03
CA PRO A 463 4.57 5.91 18.93
C PRO A 463 5.24 7.29 19.02
N PHE A 464 4.73 8.22 18.21
CA PHE A 464 5.21 9.60 18.19
C PHE A 464 6.73 9.66 17.94
N GLU A 465 7.19 8.88 16.97
CA GLU A 465 8.59 8.86 16.59
C GLU A 465 8.71 9.08 15.09
N ARG A 466 9.87 9.60 14.69
CA ARG A 466 10.19 9.85 13.29
C ARG A 466 11.55 9.29 12.98
N ASP A 467 11.73 8.88 11.72
CA ASP A 467 12.99 8.30 11.24
C ASP A 467 13.34 8.97 9.92
N ILE A 468 14.21 9.99 9.97
CA ILE A 468 14.64 10.67 8.77
C ILE A 468 16.10 10.34 8.47
N SER A 469 16.30 9.28 7.68
CA SER A 469 17.62 8.91 7.18
C SER A 469 17.39 8.06 5.95
N THR A 470 17.63 8.63 4.77
CA THR A 470 17.19 8.03 3.51
C THR A 470 18.38 7.89 2.56
N GLU A 471 19.12 6.78 2.68
CA GLU A 471 20.09 6.41 1.66
C GLU A 471 19.75 5.09 0.99
N ILE A 472 19.67 3.99 1.74
CA ILE A 472 19.35 2.66 1.23
C ILE A 472 18.77 1.86 2.39
N TYR A 473 17.75 1.05 2.12
CA TYR A 473 17.20 0.20 3.16
C TYR A 473 17.74 -1.23 3.11
N GLN A 474 18.61 -1.54 2.14
CA GLN A 474 19.36 -2.80 2.08
C GLN A 474 18.40 -4.01 2.06
N ALA A 475 17.67 -4.09 0.95
CA ALA A 475 16.77 -5.24 0.75
C ALA A 475 17.54 -6.54 0.70
N GLY A 476 18.65 -6.57 -0.04
CA GLY A 476 19.46 -7.77 -0.18
C GLY A 476 20.67 -7.76 0.73
N SER A 477 21.44 -8.84 0.64
CA SER A 477 22.66 -8.99 1.43
C SER A 477 23.89 -8.40 0.74
N THR A 478 23.77 -8.01 -0.52
CA THR A 478 24.90 -7.41 -1.23
C THR A 478 25.18 -6.01 -0.68
N PRO A 479 26.43 -5.56 -0.78
CA PRO A 479 26.76 -4.20 -0.33
C PRO A 479 25.96 -3.15 -1.08
N CYS A 480 25.57 -2.10 -0.36
CA CYS A 480 24.73 -1.02 -0.88
C CYS A 480 25.41 0.33 -0.62
N ASN A 481 26.68 0.43 -1.01
CA ASN A 481 27.48 1.62 -0.75
C ASN A 481 26.91 2.90 -1.37
N GLY A 482 25.84 2.80 -2.16
CA GLY A 482 25.24 3.97 -2.76
C GLY A 482 25.13 3.89 -4.27
N VAL A 483 25.09 2.68 -4.80
CA VAL A 483 24.93 2.43 -6.23
C VAL A 483 23.54 1.86 -6.46
N GLU A 484 22.76 2.52 -7.30
CA GLU A 484 21.40 2.07 -7.59
C GLU A 484 21.45 0.81 -8.45
N GLY A 485 20.74 -0.22 -8.02
CA GLY A 485 20.75 -1.47 -8.75
C GLY A 485 19.97 -2.54 -8.01
N PHE A 486 20.22 -3.79 -8.40
CA PHE A 486 19.54 -4.91 -7.76
C PHE A 486 19.97 -5.02 -6.30
N ASN A 487 19.00 -5.38 -5.44
CA ASN A 487 19.19 -5.57 -4.01
C ASN A 487 19.63 -4.30 -3.28
N CYS A 488 19.58 -3.15 -3.95
CA CYS A 488 19.89 -1.86 -3.34
C CYS A 488 18.90 -0.85 -3.92
N TYR A 489 17.79 -0.64 -3.22
CA TYR A 489 16.70 0.19 -3.71
C TYR A 489 16.48 1.39 -2.80
N PHE A 490 15.99 2.48 -3.39
CA PHE A 490 15.64 3.65 -2.61
C PHE A 490 14.42 3.36 -1.74
N PRO A 491 14.36 3.91 -0.53
CA PRO A 491 13.22 3.67 0.35
C PRO A 491 12.11 4.71 0.27
N LEU A 492 12.21 5.71 -0.60
CA LEU A 492 11.21 6.75 -0.73
C LEU A 492 10.67 6.78 -2.15
N GLN A 493 9.35 6.95 -2.26
CA GLN A 493 8.66 7.00 -3.55
C GLN A 493 7.74 8.21 -3.56
N SER A 494 7.71 8.92 -4.68
CA SER A 494 6.93 10.15 -4.76
C SER A 494 5.45 9.84 -4.98
N TYR A 495 4.59 10.66 -4.37
CA TYR A 495 3.16 10.58 -4.63
C TYR A 495 2.85 11.00 -6.06
N GLY A 496 1.77 10.41 -6.59
CA GLY A 496 1.26 10.82 -7.88
C GLY A 496 -0.17 11.32 -7.77
N PHE A 497 -0.37 12.62 -7.99
CA PHE A 497 -1.67 13.25 -7.84
C PHE A 497 -2.10 13.87 -9.16
N GLN A 498 -3.30 13.51 -9.60
CA GLN A 498 -3.89 14.03 -10.82
C GLN A 498 -5.36 14.31 -10.57
N PRO A 499 -5.97 15.22 -11.32
CA PRO A 499 -7.41 15.44 -11.19
C PRO A 499 -8.18 14.19 -11.60
N THR A 500 -8.84 13.57 -10.63
CA THR A 500 -9.54 12.31 -10.82
C THR A 500 -10.87 12.39 -10.09
N ASN A 501 -11.51 11.23 -9.90
CA ASN A 501 -12.80 11.20 -9.20
C ASN A 501 -12.67 11.74 -7.78
N GLY A 502 -11.60 11.34 -7.07
CA GLY A 502 -11.32 11.88 -5.76
C GLY A 502 -11.85 11.08 -4.59
N VAL A 503 -12.38 9.88 -4.83
CA VAL A 503 -12.91 9.08 -3.73
C VAL A 503 -11.79 8.67 -2.77
N GLY A 504 -10.64 8.28 -3.30
CA GLY A 504 -9.53 7.87 -2.46
C GLY A 504 -8.17 8.25 -3.01
N TYR A 505 -8.13 9.16 -3.98
CA TYR A 505 -6.90 9.54 -4.66
C TYR A 505 -6.75 11.06 -4.72
N GLN A 506 -6.97 11.72 -3.59
CA GLN A 506 -6.79 13.16 -3.51
C GLN A 506 -5.91 13.51 -2.31
N PRO A 507 -5.13 14.59 -2.40
CA PRO A 507 -4.25 14.97 -1.29
C PRO A 507 -5.00 15.49 -0.09
N TYR A 508 -5.60 14.59 0.69
CA TYR A 508 -6.28 14.99 1.91
C TYR A 508 -5.27 15.52 2.94
N ARG A 509 -5.79 16.29 3.89
CA ARG A 509 -4.99 16.91 4.93
C ARG A 509 -5.49 16.45 6.28
N VAL A 510 -4.60 15.88 7.10
CA VAL A 510 -4.98 15.32 8.39
C VAL A 510 -4.13 15.96 9.48
N VAL A 511 -4.80 16.44 10.53
CA VAL A 511 -4.14 17.02 11.68
C VAL A 511 -4.58 16.25 12.92
N VAL A 512 -3.74 16.27 13.94
CA VAL A 512 -4.00 15.58 15.20
C VAL A 512 -3.71 16.55 16.34
N LEU A 513 -4.70 16.76 17.20
CA LEU A 513 -4.51 17.52 18.43
C LEU A 513 -4.28 16.53 19.56
N SER A 514 -3.14 16.65 20.23
CA SER A 514 -2.73 15.73 21.29
C SER A 514 -2.60 16.51 22.60
N PHE A 515 -3.14 15.95 23.67
CA PHE A 515 -3.16 16.57 24.99
C PHE A 515 -2.22 15.82 25.93
N GLU A 516 -1.72 16.54 26.93
CA GLU A 516 -1.00 15.93 28.03
C GLU A 516 -1.90 15.84 29.25
N LEU A 517 -1.44 15.17 30.29
CA LEU A 517 -2.27 14.91 31.46
C LEU A 517 -1.83 15.71 32.69
N LEU A 518 -0.60 15.53 33.16
CA LEU A 518 -0.13 16.30 34.31
C LEU A 518 1.39 16.26 34.36
N HIS A 519 2.03 17.39 34.06
CA HIS A 519 3.43 17.62 34.43
C HIS A 519 3.70 19.00 34.98
N ALA A 520 2.82 19.98 34.74
CA ALA A 520 2.96 21.36 35.19
C ALA A 520 1.57 21.91 35.50
N PRO A 521 1.45 23.03 36.22
CA PRO A 521 0.13 23.62 36.45
C PRO A 521 -0.57 23.96 35.14
N ALA A 522 -1.88 23.78 35.14
CA ALA A 522 -2.67 24.00 33.93
C ALA A 522 -2.66 25.47 33.53
N THR A 523 -2.56 25.71 32.22
CA THR A 523 -2.46 27.07 31.69
C THR A 523 -3.44 27.37 30.56
N VAL A 524 -4.11 26.38 29.97
CA VAL A 524 -4.91 26.62 28.78
C VAL A 524 -6.39 26.37 29.05
N CYS A 525 -6.82 26.56 30.30
CA CYS A 525 -8.25 26.48 30.60
C CYS A 525 -8.99 27.62 29.91
N GLY A 526 -10.25 27.37 29.57
CA GLY A 526 -11.05 28.35 28.87
C GLY A 526 -12.31 28.88 29.55
N PRO A 527 -12.28 29.19 30.85
CA PRO A 527 -13.39 29.93 31.45
C PRO A 527 -13.23 31.42 31.20
N LYS A 528 -14.26 32.18 31.57
CA LYS A 528 -14.19 33.63 31.49
C LYS A 528 -14.63 34.36 32.75
N LYS A 529 -15.50 33.77 33.57
CA LYS A 529 -15.96 34.43 34.79
C LYS A 529 -15.01 34.14 35.95
N GLU B 5 21.57 -14.93 -9.31
CA GLU B 5 20.75 -16.12 -9.53
C GLU B 5 19.77 -16.34 -8.38
N VAL B 6 18.69 -15.56 -8.37
CA VAL B 6 17.67 -15.68 -7.33
C VAL B 6 16.76 -16.85 -7.67
N GLN B 7 16.51 -17.71 -6.69
CA GLN B 7 15.69 -18.91 -6.87
C GLN B 7 14.71 -19.02 -5.72
N LEU B 8 13.47 -19.43 -6.04
CA LEU B 8 12.43 -19.62 -5.04
C LEU B 8 11.86 -21.02 -5.23
N LEU B 9 12.24 -21.95 -4.35
CA LEU B 9 11.82 -23.34 -4.45
C LEU B 9 10.69 -23.62 -3.48
N GLN B 10 9.77 -24.49 -3.89
CA GLN B 10 8.61 -24.86 -3.10
C GLN B 10 8.45 -26.38 -3.10
N SER B 11 7.83 -26.89 -2.04
CA SER B 11 7.58 -28.34 -1.93
C SER B 11 6.25 -28.52 -1.18
N ALA B 12 5.16 -28.61 -1.94
CA ALA B 12 3.84 -28.81 -1.36
C ALA B 12 2.98 -29.78 -2.16
N GLY B 13 3.56 -30.55 -3.08
CA GLY B 13 2.78 -31.41 -3.94
C GLY B 13 2.25 -32.66 -3.25
N GLY B 14 1.30 -32.48 -2.35
CA GLY B 14 0.71 -33.59 -1.64
C GLY B 14 -0.79 -33.49 -1.47
N LEU B 15 -1.50 -34.59 -1.70
CA LEU B 15 -2.94 -34.61 -1.51
C LEU B 15 -3.29 -34.44 -0.03
N VAL B 16 -4.39 -33.75 0.23
CA VAL B 16 -4.82 -33.42 1.59
C VAL B 16 -6.17 -34.08 1.85
N GLN B 17 -6.31 -34.67 3.04
CA GLN B 17 -7.57 -35.24 3.46
C GLN B 17 -8.57 -34.13 3.79
N PRO B 18 -9.86 -34.44 3.79
CA PRO B 18 -10.86 -33.43 4.15
C PRO B 18 -10.59 -32.87 5.55
N GLY B 19 -10.64 -31.55 5.66
CA GLY B 19 -10.30 -30.90 6.92
C GLY B 19 -8.89 -31.19 7.38
N GLY B 20 -7.94 -31.27 6.45
CA GLY B 20 -6.58 -31.64 6.79
C GLY B 20 -5.69 -30.44 7.05
N SER B 21 -4.50 -30.73 7.57
CA SER B 21 -3.51 -29.72 7.90
C SER B 21 -2.30 -29.88 6.99
N LEU B 22 -1.92 -28.78 6.33
CA LEU B 22 -0.75 -28.76 5.45
C LEU B 22 0.14 -27.58 5.81
N ARG B 23 1.40 -27.66 5.41
CA ARG B 23 2.35 -26.58 5.63
C ARG B 23 3.18 -26.40 4.37
N LEU B 24 2.99 -25.27 3.69
CA LEU B 24 3.76 -24.95 2.50
C LEU B 24 5.08 -24.30 2.91
N SER B 25 5.96 -24.09 1.93
CA SER B 25 7.29 -23.57 2.23
C SER B 25 7.82 -22.80 1.03
N CYS B 26 8.30 -21.58 1.29
CA CYS B 26 9.02 -20.78 0.31
C CYS B 26 10.35 -20.35 0.91
N ALA B 27 11.44 -20.67 0.22
CA ALA B 27 12.78 -20.37 0.71
C ALA B 27 13.30 -19.09 0.06
N ALA B 28 14.58 -18.80 0.26
CA ALA B 28 15.24 -17.65 -0.33
C ALA B 28 16.61 -18.07 -0.82
N SER B 29 17.16 -17.29 -1.76
CA SER B 29 18.42 -17.63 -2.40
C SER B 29 19.32 -16.40 -2.52
N GLY B 30 19.43 -15.62 -1.46
CA GLY B 30 20.35 -14.50 -1.47
C GLY B 30 19.81 -13.23 -0.83
N PHE B 31 18.50 -13.02 -0.90
CA PHE B 31 17.87 -11.85 -0.33
C PHE B 31 17.16 -12.23 0.96
N THR B 32 17.44 -11.48 2.03
CA THR B 32 16.81 -11.75 3.31
C THR B 32 15.32 -11.44 3.25
N VAL B 33 14.51 -12.30 3.84
CA VAL B 33 13.06 -12.07 3.91
C VAL B 33 12.68 -11.01 4.92
N SER B 34 13.62 -10.57 5.75
CA SER B 34 13.34 -9.61 6.82
C SER B 34 13.46 -8.17 6.38
N ALA B 35 13.75 -7.91 5.10
CA ALA B 35 13.92 -6.56 4.61
C ALA B 35 13.04 -6.24 3.39
N ASN B 36 12.24 -7.20 2.91
CA ASN B 36 11.46 -6.99 1.71
C ASN B 36 10.05 -7.55 1.89
N TYR B 37 9.13 -6.97 1.13
CA TYR B 37 7.74 -7.45 1.14
C TYR B 37 7.64 -8.85 0.53
N MET B 38 6.72 -9.64 1.04
CA MET B 38 6.45 -10.97 0.49
C MET B 38 4.95 -11.12 0.29
N SER B 39 4.57 -11.97 -0.68
CA SER B 39 3.17 -12.12 -1.02
C SER B 39 2.90 -13.54 -1.51
N TRP B 40 1.72 -14.05 -1.17
CA TRP B 40 1.20 -15.31 -1.66
C TRP B 40 -0.03 -15.05 -2.50
N VAL B 41 -0.05 -15.61 -3.71
CA VAL B 41 -1.15 -15.41 -4.66
C VAL B 41 -1.63 -16.77 -5.17
N ARG B 42 -2.89 -16.79 -5.58
CA ARG B 42 -3.56 -18.00 -6.02
C ARG B 42 -3.79 -17.96 -7.52
N GLN B 43 -3.41 -19.04 -8.20
CA GLN B 43 -3.51 -19.08 -9.66
C GLN B 43 -4.94 -19.30 -10.14
N ALA B 44 -5.71 -20.15 -9.43
CA ALA B 44 -7.09 -20.45 -9.77
C ALA B 44 -7.22 -20.91 -11.22
N PRO B 45 -6.80 -22.14 -11.55
CA PRO B 45 -6.90 -22.61 -12.93
C PRO B 45 -8.34 -22.63 -13.42
N GLY B 46 -8.51 -22.33 -14.71
CA GLY B 46 -9.81 -22.13 -15.28
C GLY B 46 -10.38 -20.74 -15.10
N LYS B 47 -9.61 -19.83 -14.49
CA LYS B 47 -10.05 -18.47 -14.26
C LYS B 47 -8.80 -17.61 -14.05
N GLY B 48 -9.00 -16.32 -13.83
CA GLY B 48 -7.89 -15.43 -13.59
C GLY B 48 -7.29 -15.61 -12.20
N LEU B 49 -6.11 -15.04 -12.03
CA LEU B 49 -5.41 -15.10 -10.75
C LEU B 49 -6.11 -14.23 -9.71
N GLU B 50 -5.81 -14.49 -8.44
CA GLU B 50 -6.35 -13.70 -7.36
C GLU B 50 -5.31 -13.63 -6.23
N TRP B 51 -5.61 -12.83 -5.22
CA TRP B 51 -4.69 -12.53 -4.13
C TRP B 51 -5.04 -13.32 -2.89
N VAL B 52 -4.01 -13.66 -2.11
CA VAL B 52 -4.19 -14.46 -0.89
C VAL B 52 -3.67 -13.71 0.33
N SER B 53 -2.38 -13.38 0.35
CA SER B 53 -1.81 -12.79 1.56
C SER B 53 -0.59 -11.94 1.23
N VAL B 54 -0.29 -11.01 2.14
CA VAL B 54 0.89 -10.16 2.07
C VAL B 54 1.50 -10.05 3.46
N ILE B 55 2.83 -10.16 3.52
CA ILE B 55 3.60 -9.92 4.73
C ILE B 55 4.56 -8.77 4.47
N TYR B 56 4.48 -7.73 5.29
CA TYR B 56 5.37 -6.59 5.24
C TYR B 56 6.67 -6.89 5.98
N PRO B 57 7.72 -6.12 5.74
CA PRO B 57 8.82 -6.07 6.71
C PRO B 57 8.28 -5.58 8.05
N GLY B 58 8.88 -6.06 9.13
CA GLY B 58 8.12 -6.03 10.37
C GLY B 58 7.49 -7.39 10.61
N GLY B 59 6.29 -7.59 10.11
CA GLY B 59 5.56 -8.83 10.35
C GLY B 59 4.07 -8.65 10.57
N SER B 60 3.56 -7.46 10.27
CA SER B 60 2.12 -7.30 10.14
C SER B 60 1.61 -8.12 8.96
N THR B 61 0.44 -8.72 9.13
CA THR B 61 -0.12 -9.67 8.17
C THR B 61 -1.38 -9.09 7.54
N PHE B 62 -1.48 -9.17 6.22
CA PHE B 62 -2.69 -8.78 5.50
C PHE B 62 -3.21 -9.99 4.74
N TYR B 63 -4.50 -10.27 4.88
CA TYR B 63 -5.13 -11.40 4.22
C TYR B 63 -6.15 -10.93 3.19
N ALA B 64 -6.60 -11.86 2.35
CA ALA B 64 -7.59 -11.55 1.32
C ALA B 64 -8.94 -11.27 1.96
N ASP B 65 -9.87 -10.80 1.12
CA ASP B 65 -11.22 -10.48 1.58
C ASP B 65 -12.13 -11.70 1.64
N SER B 66 -11.95 -12.64 0.72
CA SER B 66 -12.80 -13.83 0.70
C SER B 66 -12.60 -14.69 1.95
N VAL B 67 -11.37 -14.82 2.41
CA VAL B 67 -11.04 -15.65 3.56
C VAL B 67 -10.65 -14.74 4.72
N LYS B 68 -11.17 -15.04 5.91
CA LYS B 68 -10.89 -14.27 7.11
C LYS B 68 -10.40 -15.21 8.22
N GLY B 69 -9.30 -14.85 8.83
CA GLY B 69 -8.85 -15.55 10.04
C GLY B 69 -8.21 -16.90 9.91
N ARG B 70 -8.79 -17.79 9.09
CA ARG B 70 -8.32 -19.17 9.05
C ARG B 70 -6.91 -19.29 8.50
N PHE B 71 -6.56 -18.45 7.53
CA PHE B 71 -5.21 -18.50 6.98
C PHE B 71 -4.19 -18.06 8.01
N THR B 72 -3.08 -18.80 8.09
CA THR B 72 -2.03 -18.54 9.07
C THR B 72 -0.68 -18.57 8.35
N ILE B 73 -0.17 -17.39 8.03
CA ILE B 73 1.14 -17.26 7.40
C ILE B 73 2.16 -16.92 8.48
N SER B 74 3.36 -17.48 8.34
CA SER B 74 4.40 -17.33 9.34
C SER B 74 5.74 -17.12 8.64
N ARG B 75 6.61 -16.37 9.30
CA ARG B 75 7.91 -15.99 8.77
C ARG B 75 9.00 -16.50 9.69
N ASP B 76 10.02 -17.13 9.13
CA ASP B 76 11.11 -17.70 9.92
C ASP B 76 12.44 -17.20 9.36
N ASN B 77 13.08 -16.27 10.07
CA ASN B 77 14.40 -15.82 9.68
C ASN B 77 15.50 -16.81 10.05
N SER B 78 15.22 -17.73 10.97
CA SER B 78 16.22 -18.73 11.35
C SER B 78 16.57 -19.63 10.19
N LYS B 79 15.55 -20.08 9.45
CA LYS B 79 15.75 -20.95 8.29
C LYS B 79 15.44 -20.25 6.97
N ASN B 80 15.13 -18.96 6.99
CA ASN B 80 14.85 -18.17 5.80
C ASN B 80 13.68 -18.78 5.01
N THR B 81 12.52 -18.81 5.67
CA THR B 81 11.33 -19.45 5.12
C THR B 81 10.11 -18.57 5.32
N LEU B 82 9.11 -18.80 4.46
CA LEU B 82 7.89 -18.00 4.35
C LEU B 82 6.67 -18.92 4.50
N TYR B 83 6.64 -19.67 5.58
CA TYR B 83 5.70 -20.77 5.74
C TYR B 83 4.25 -20.28 5.70
N LEU B 84 3.35 -21.17 5.25
CA LEU B 84 1.92 -20.92 5.27
C LEU B 84 1.23 -22.21 5.70
N GLN B 85 0.46 -22.14 6.78
CA GLN B 85 -0.22 -23.31 7.31
C GLN B 85 -1.67 -23.32 6.84
N MET B 86 -2.03 -24.36 6.07
CA MET B 86 -3.38 -24.55 5.61
C MET B 86 -4.13 -25.43 6.60
N ASN B 87 -5.13 -24.85 7.25
CA ASN B 87 -5.97 -25.59 8.19
C ASN B 87 -7.08 -26.30 7.40
N SER B 88 -8.13 -26.75 8.09
CA SER B 88 -9.27 -27.43 7.47
C SER B 88 -9.70 -26.72 6.20
N LEU B 89 -9.65 -27.45 5.09
CA LEU B 89 -9.85 -26.90 3.76
C LEU B 89 -11.13 -27.44 3.16
N ARG B 90 -11.94 -26.54 2.59
CA ARG B 90 -13.25 -26.86 2.06
C ARG B 90 -13.19 -27.01 0.54
N VAL B 91 -14.36 -27.17 -0.06
CA VAL B 91 -14.50 -27.43 -1.49
C VAL B 91 -14.04 -26.19 -2.26
N GLU B 92 -13.80 -26.35 -3.57
CA GLU B 92 -13.46 -25.25 -4.49
C GLU B 92 -12.28 -24.42 -3.98
N ASP B 93 -11.28 -25.10 -3.41
CA ASP B 93 -10.05 -24.46 -2.97
C ASP B 93 -8.82 -25.08 -3.64
N THR B 94 -8.99 -25.72 -4.78
CA THR B 94 -7.88 -26.35 -5.50
C THR B 94 -7.31 -25.38 -6.52
N ALA B 95 -6.05 -25.01 -6.34
CA ALA B 95 -5.37 -24.07 -7.24
C ALA B 95 -3.88 -24.13 -6.94
N VAL B 96 -3.12 -23.23 -7.54
CA VAL B 96 -1.69 -23.09 -7.31
C VAL B 96 -1.47 -21.92 -6.37
N TYR B 97 -0.39 -21.98 -5.58
CA TYR B 97 -0.19 -21.09 -4.44
C TYR B 97 1.13 -20.33 -4.55
N TYR B 98 1.32 -19.62 -5.66
CA TYR B 98 2.59 -18.97 -5.94
C TYR B 98 2.97 -18.00 -4.83
N CYS B 99 4.29 -17.82 -4.65
CA CYS B 99 4.82 -16.85 -3.69
C CYS B 99 5.88 -16.01 -4.38
N ALA B 100 5.90 -14.72 -4.06
CA ALA B 100 6.79 -13.78 -4.75
C ALA B 100 7.05 -12.57 -3.88
N ARG B 101 8.20 -11.95 -4.10
CA ARG B 101 8.51 -10.69 -3.44
C ARG B 101 7.70 -9.56 -4.06
N ASP B 102 7.51 -8.49 -3.28
CA ASP B 102 6.68 -7.38 -3.70
C ASP B 102 7.45 -6.07 -3.58
N LEU B 103 7.46 -5.31 -4.68
CA LEU B 103 8.02 -3.96 -4.72
C LEU B 103 7.06 -3.04 -5.46
N SER B 104 5.79 -3.09 -5.06
CA SER B 104 4.66 -2.59 -5.85
C SER B 104 4.95 -1.31 -6.64
N VAL B 105 5.50 -0.30 -5.98
CA VAL B 105 5.73 0.98 -6.65
C VAL B 105 6.78 0.85 -7.74
N ALA B 106 7.89 0.19 -7.43
CA ALA B 106 9.02 0.03 -8.35
C ALA B 106 9.20 -1.45 -8.66
N GLY B 107 8.44 -1.95 -9.62
CA GLY B 107 8.55 -3.34 -10.02
C GLY B 107 7.60 -4.24 -9.26
N ALA B 108 6.60 -4.79 -9.94
CA ALA B 108 5.56 -5.58 -9.29
C ALA B 108 5.82 -7.06 -9.56
N PHE B 109 6.19 -7.79 -8.52
CA PHE B 109 6.38 -9.25 -8.59
C PHE B 109 7.42 -9.61 -9.64
N ASP B 110 8.64 -9.12 -9.44
CA ASP B 110 9.70 -9.33 -10.42
C ASP B 110 10.09 -10.81 -10.52
N ILE B 111 10.19 -11.50 -9.39
CA ILE B 111 10.55 -12.91 -9.36
C ILE B 111 9.47 -13.68 -8.61
N TRP B 112 9.12 -14.86 -9.13
CA TRP B 112 8.09 -15.72 -8.55
C TRP B 112 8.71 -17.03 -8.10
N GLY B 113 7.90 -17.88 -7.48
CA GLY B 113 8.34 -19.21 -7.11
C GLY B 113 8.32 -20.18 -8.27
N GLN B 114 7.87 -21.41 -8.02
CA GLN B 114 7.79 -22.42 -9.06
C GLN B 114 6.37 -22.97 -9.18
N GLY B 115 5.67 -23.06 -8.05
CA GLY B 115 4.30 -23.50 -8.02
C GLY B 115 4.13 -24.84 -7.32
N THR B 116 2.87 -25.19 -7.11
CA THR B 116 2.49 -26.43 -6.45
C THR B 116 1.03 -26.73 -6.79
N LEU B 117 0.44 -27.71 -6.12
CA LEU B 117 -0.95 -28.07 -6.35
C LEU B 117 -1.51 -28.68 -5.09
N VAL B 118 -2.59 -28.10 -4.57
CA VAL B 118 -3.28 -28.60 -3.38
C VAL B 118 -4.67 -29.04 -3.80
N THR B 119 -5.00 -30.29 -3.52
CA THR B 119 -6.27 -30.87 -3.94
C THR B 119 -7.32 -30.68 -2.84
N VAL B 120 -8.48 -31.33 -3.02
CA VAL B 120 -9.59 -31.25 -2.08
C VAL B 120 -10.09 -32.68 -1.86
N SER B 121 -11.17 -32.80 -1.08
CA SER B 121 -11.77 -34.11 -0.80
C SER B 121 -12.16 -34.80 -2.09
N SER B 122 -11.81 -36.09 -2.18
CA SER B 122 -12.09 -36.91 -3.36
C SER B 122 -11.57 -36.26 -4.65
N ILE B 139 -12.23 -3.40 -6.43
CA ILE B 139 -11.94 -2.83 -7.75
C ILE B 139 -12.37 -3.79 -8.84
N VAL B 140 -13.18 -3.30 -9.78
CA VAL B 140 -13.64 -4.11 -10.90
C VAL B 140 -12.69 -3.86 -12.07
N LEU B 141 -11.85 -4.86 -12.34
CA LEU B 141 -10.89 -4.80 -13.43
C LEU B 141 -11.26 -5.82 -14.49
N THR B 142 -11.34 -5.36 -15.74
CA THR B 142 -11.70 -6.21 -16.86
C THR B 142 -10.76 -5.88 -18.02
N GLN B 143 -10.58 -6.85 -18.90
CA GLN B 143 -9.73 -6.68 -20.07
C GLN B 143 -10.48 -7.15 -21.31
N SER B 144 -10.52 -6.29 -22.32
CA SER B 144 -11.50 -6.36 -23.40
C SER B 144 -11.21 -7.36 -24.52
N PRO B 145 -10.04 -7.30 -25.19
CA PRO B 145 -9.94 -7.86 -26.56
C PRO B 145 -10.34 -9.32 -26.70
N GLY B 146 -9.65 -10.23 -26.03
CA GLY B 146 -9.91 -11.64 -26.20
C GLY B 146 -8.78 -12.38 -26.88
N THR B 147 -9.11 -13.42 -27.65
CA THR B 147 -8.07 -14.28 -28.21
C THR B 147 -7.28 -13.56 -29.31
N LEU B 148 -7.98 -12.93 -30.26
CA LEU B 148 -7.36 -12.18 -31.37
C LEU B 148 -6.25 -12.99 -32.04
N SER B 149 -6.67 -14.10 -32.65
CA SER B 149 -5.73 -14.93 -33.40
C SER B 149 -5.09 -14.13 -34.53
N LEU B 150 -3.76 -14.20 -34.61
CA LEU B 150 -3.01 -13.41 -35.58
C LEU B 150 -1.84 -14.25 -36.10
N SER B 151 -0.98 -13.61 -36.89
CA SER B 151 0.19 -14.22 -37.48
C SER B 151 1.41 -13.37 -37.20
N PRO B 152 2.60 -13.97 -37.17
CA PRO B 152 3.82 -13.18 -36.94
C PRO B 152 4.08 -12.22 -38.09
N GLY B 153 4.72 -11.09 -37.75
CA GLY B 153 5.08 -10.08 -38.72
C GLY B 153 4.43 -8.73 -38.53
N GLU B 154 3.51 -8.58 -37.57
CA GLU B 154 2.85 -7.30 -37.33
C GLU B 154 2.70 -7.12 -35.82
N ARG B 155 1.92 -6.13 -35.42
CA ARG B 155 1.70 -5.81 -34.02
C ARG B 155 0.30 -6.21 -33.59
N ALA B 156 -0.02 -5.95 -32.32
CA ALA B 156 -1.31 -6.29 -31.76
C ALA B 156 -1.62 -5.32 -30.63
N THR B 157 -2.90 -5.27 -30.24
CA THR B 157 -3.37 -4.37 -29.20
C THR B 157 -4.09 -5.16 -28.12
N LEU B 158 -3.74 -4.92 -26.87
CA LEU B 158 -4.42 -5.51 -25.72
C LEU B 158 -4.89 -4.38 -24.82
N SER B 159 -6.18 -4.38 -24.50
CA SER B 159 -6.83 -3.29 -23.76
C SER B 159 -7.31 -3.79 -22.41
N CYS B 160 -6.91 -3.09 -21.35
CA CYS B 160 -7.31 -3.40 -19.98
C CYS B 160 -8.00 -2.17 -19.40
N ARG B 161 -9.31 -2.28 -19.15
CA ARG B 161 -10.10 -1.19 -18.61
C ARG B 161 -10.20 -1.35 -17.09
N ALA B 162 -10.68 -0.31 -16.41
CA ALA B 162 -10.93 -0.40 -14.98
C ALA B 162 -12.20 0.37 -14.66
N SER B 163 -12.82 0.01 -13.53
CA SER B 163 -14.03 0.70 -13.08
C SER B 163 -13.74 1.85 -12.14
N GLN B 164 -12.62 1.82 -11.41
CA GLN B 164 -12.28 2.87 -10.46
C GLN B 164 -11.39 3.95 -11.06
N SER B 165 -10.76 3.68 -12.20
CA SER B 165 -9.91 4.64 -12.90
C SER B 165 -8.75 5.09 -12.02
N VAL B 166 -7.88 4.12 -11.72
CA VAL B 166 -6.67 4.42 -10.95
C VAL B 166 -5.84 5.45 -11.70
N SER B 167 -5.28 6.42 -10.96
CA SER B 167 -4.82 7.66 -11.55
C SER B 167 -3.67 7.49 -12.54
N SER B 168 -2.47 7.15 -12.07
CA SER B 168 -1.29 7.24 -12.94
C SER B 168 -0.57 5.92 -13.15
N SER B 169 -0.06 5.28 -12.10
CA SER B 169 0.97 4.27 -12.27
C SER B 169 0.80 3.11 -11.30
N TYR B 170 -0.41 2.60 -11.15
CA TYR B 170 -0.66 1.49 -10.23
C TYR B 170 -1.21 0.27 -10.97
N LEU B 171 -0.80 0.07 -12.21
CA LEU B 171 -1.18 -1.10 -12.98
C LEU B 171 0.03 -1.66 -13.70
N ALA B 172 0.16 -2.98 -13.67
CA ALA B 172 1.28 -3.69 -14.29
C ALA B 172 0.76 -4.84 -15.15
N TRP B 173 1.68 -5.50 -15.84
CA TRP B 173 1.33 -6.59 -16.74
C TRP B 173 2.22 -7.80 -16.46
N TYR B 174 1.64 -8.99 -16.60
CA TYR B 174 2.32 -10.26 -16.38
C TYR B 174 2.13 -11.18 -17.58
N GLN B 175 3.07 -12.11 -17.75
CA GLN B 175 3.01 -13.08 -18.84
C GLN B 175 3.13 -14.48 -18.26
N GLN B 176 2.17 -15.34 -18.60
CA GLN B 176 2.18 -16.73 -18.17
C GLN B 176 2.97 -17.57 -19.17
N LYS B 177 3.16 -18.86 -18.82
CA LYS B 177 3.79 -19.81 -19.72
C LYS B 177 3.36 -21.19 -19.30
N PRO B 178 2.99 -22.08 -20.23
CA PRO B 178 2.53 -23.42 -19.83
C PRO B 178 3.53 -24.19 -19.00
N GLY B 179 3.13 -24.43 -17.71
CA GLY B 179 3.93 -25.18 -16.77
C GLY B 179 4.96 -24.36 -16.01
N GLN B 180 5.24 -23.14 -16.46
CA GLN B 180 6.25 -22.31 -15.83
C GLN B 180 5.57 -21.33 -14.87
N ALA B 181 6.36 -20.37 -14.35
CA ALA B 181 5.92 -19.35 -13.42
C ALA B 181 5.68 -18.02 -14.14
N PRO B 182 4.77 -17.19 -13.63
CA PRO B 182 4.51 -15.90 -14.28
C PRO B 182 5.75 -15.01 -14.28
N ARG B 183 5.86 -14.20 -15.33
CA ARG B 183 6.96 -13.26 -15.48
C ARG B 183 6.44 -11.84 -15.51
N LEU B 184 7.36 -10.89 -15.36
CA LEU B 184 7.04 -9.47 -15.40
C LEU B 184 7.41 -8.88 -16.74
N LEU B 185 6.50 -8.07 -17.29
CA LEU B 185 6.71 -7.40 -18.56
C LEU B 185 6.89 -5.90 -18.39
N ILE B 186 5.93 -5.22 -17.77
CA ILE B 186 5.98 -3.79 -17.54
C ILE B 186 5.41 -3.50 -16.16
N TYR B 187 6.05 -2.57 -15.45
CA TYR B 187 5.62 -2.15 -14.12
C TYR B 187 5.24 -0.67 -14.17
N GLY B 188 4.07 -0.36 -13.63
CA GLY B 188 3.60 1.01 -13.64
C GLY B 188 3.14 1.52 -14.98
N ALA B 189 3.05 0.65 -15.99
CA ALA B 189 2.62 0.99 -17.34
C ALA B 189 3.49 2.07 -17.97
N SER B 190 4.71 2.24 -17.50
CA SER B 190 5.60 3.24 -18.05
C SER B 190 6.95 2.69 -18.51
N SER B 191 7.53 1.75 -17.75
CA SER B 191 8.83 1.20 -18.08
C SER B 191 8.82 -0.31 -17.87
N ARG B 192 9.47 -1.02 -18.79
CA ARG B 192 9.54 -2.47 -18.71
C ARG B 192 10.61 -2.89 -17.71
N ALA B 193 10.53 -4.15 -17.28
CA ALA B 193 11.49 -4.70 -16.34
C ALA B 193 12.81 -5.03 -17.03
N THR B 194 13.82 -5.34 -16.23
CA THR B 194 15.13 -5.68 -16.77
C THR B 194 15.07 -6.99 -17.54
N GLY B 195 15.84 -7.05 -18.62
CA GLY B 195 15.87 -8.23 -19.47
C GLY B 195 14.74 -8.32 -20.48
N ILE B 196 13.79 -7.40 -20.45
CA ILE B 196 12.66 -7.43 -21.38
C ILE B 196 13.12 -6.87 -22.73
N PRO B 197 12.84 -7.54 -23.84
CA PRO B 197 13.19 -7.00 -25.15
C PRO B 197 12.43 -5.70 -25.43
N ASP B 198 12.98 -4.91 -26.35
CA ASP B 198 12.43 -3.61 -26.69
C ASP B 198 11.25 -3.69 -27.64
N ARG B 199 10.63 -4.85 -27.79
CA ARG B 199 9.48 -5.04 -28.67
C ARG B 199 8.16 -4.93 -27.94
N PHE B 200 8.18 -4.57 -26.65
CA PHE B 200 6.97 -4.43 -25.86
C PHE B 200 6.74 -2.96 -25.54
N SER B 201 5.52 -2.48 -25.76
CA SER B 201 5.19 -1.09 -25.52
C SER B 201 3.86 -0.99 -24.78
N GLY B 202 3.69 0.08 -24.02
CA GLY B 202 2.46 0.32 -23.30
C GLY B 202 2.16 1.80 -23.24
N SER B 203 0.86 2.11 -23.21
CA SER B 203 0.40 3.49 -23.18
C SER B 203 -1.03 3.51 -22.64
N GLY B 204 -1.65 4.68 -22.67
CA GLY B 204 -3.00 4.87 -22.16
C GLY B 204 -3.01 5.55 -20.81
N SER B 205 -4.18 6.10 -20.47
CA SER B 205 -4.36 6.79 -19.20
C SER B 205 -5.84 6.93 -18.92
N GLY B 206 -6.14 7.30 -17.67
CA GLY B 206 -7.50 7.59 -17.26
C GLY B 206 -8.31 6.37 -16.84
N THR B 207 -8.78 5.59 -17.80
CA THR B 207 -9.66 4.46 -17.51
C THR B 207 -9.15 3.14 -18.06
N ASP B 208 -8.46 3.17 -19.21
CA ASP B 208 -7.99 1.97 -19.87
C ASP B 208 -6.53 2.13 -20.27
N PHE B 209 -5.85 1.00 -20.41
CA PHE B 209 -4.45 0.96 -20.83
C PHE B 209 -4.31 0.00 -21.99
N THR B 210 -3.36 0.29 -22.87
CA THR B 210 -3.13 -0.50 -24.07
C THR B 210 -1.69 -0.97 -24.11
N LEU B 211 -1.50 -2.23 -24.50
CA LEU B 211 -0.17 -2.82 -24.62
C LEU B 211 -0.04 -3.45 -26.00
N THR B 212 1.18 -3.38 -26.54
CA THR B 212 1.44 -3.78 -27.92
C THR B 212 2.76 -4.55 -28.00
N ILE B 213 2.75 -5.65 -28.76
CA ILE B 213 3.94 -6.42 -29.06
C ILE B 213 4.25 -6.24 -30.53
N SER B 214 5.46 -5.78 -30.85
CA SER B 214 5.89 -5.57 -32.22
C SER B 214 6.85 -6.66 -32.64
N ARG B 215 6.75 -7.08 -33.90
CA ARG B 215 7.62 -8.11 -34.48
C ARG B 215 7.53 -9.42 -33.67
N LEU B 216 6.34 -10.02 -33.75
CA LEU B 216 6.04 -11.22 -32.98
C LEU B 216 7.07 -12.30 -33.22
N GLU B 217 7.53 -12.91 -32.13
CA GLU B 217 8.52 -13.97 -32.14
C GLU B 217 7.89 -15.28 -31.65
N PRO B 218 8.44 -16.43 -32.04
CA PRO B 218 7.87 -17.70 -31.56
C PRO B 218 7.91 -17.84 -30.04
N GLU B 219 8.89 -17.22 -29.38
CA GLU B 219 8.91 -17.24 -27.92
C GLU B 219 8.14 -16.05 -27.36
N ASP B 220 6.92 -15.85 -27.86
CA ASP B 220 6.04 -14.80 -27.35
C ASP B 220 4.59 -15.22 -27.23
N PHE B 221 4.19 -16.39 -27.75
CA PHE B 221 2.80 -16.82 -27.69
C PHE B 221 2.45 -17.28 -26.29
N ALA B 222 1.88 -16.37 -25.49
CA ALA B 222 1.59 -16.67 -24.10
C ALA B 222 0.44 -15.80 -23.63
N VAL B 223 -0.15 -16.22 -22.52
CA VAL B 223 -1.31 -15.51 -21.95
C VAL B 223 -0.80 -14.28 -21.20
N TYR B 224 -1.46 -13.14 -21.42
CA TYR B 224 -1.09 -11.88 -20.80
C TYR B 224 -2.17 -11.45 -19.81
N TYR B 225 -1.75 -11.00 -18.63
CA TYR B 225 -2.66 -10.51 -17.60
C TYR B 225 -2.31 -9.07 -17.24
N CYS B 226 -3.32 -8.30 -16.88
CA CYS B 226 -3.15 -6.95 -16.34
C CYS B 226 -3.60 -6.93 -14.89
N GLN B 227 -2.74 -6.41 -14.00
CA GLN B 227 -2.99 -6.43 -12.57
C GLN B 227 -2.98 -5.00 -12.03
N GLN B 228 -3.81 -4.75 -11.02
CA GLN B 228 -3.85 -3.45 -10.36
C GLN B 228 -3.35 -3.58 -8.93
N TYR B 229 -2.66 -2.55 -8.44
CA TYR B 229 -2.15 -2.53 -7.08
C TYR B 229 -2.31 -1.12 -6.52
N GLY B 230 -1.74 -0.89 -5.34
CA GLY B 230 -1.84 0.41 -4.70
C GLY B 230 -3.27 0.80 -4.35
N SER B 231 -4.08 -0.17 -3.93
CA SER B 231 -5.50 0.04 -3.69
C SER B 231 -5.99 -1.11 -2.82
N SER B 232 -7.32 -1.29 -2.78
CA SER B 232 -7.97 -2.44 -2.16
C SER B 232 -7.37 -3.72 -2.72
N PRO B 233 -7.60 -4.91 -2.06
CA PRO B 233 -6.93 -6.15 -2.48
C PRO B 233 -6.72 -6.32 -3.97
N TYR B 234 -5.49 -6.71 -4.34
CA TYR B 234 -5.06 -6.67 -5.73
C TYR B 234 -5.90 -7.59 -6.59
N THR B 235 -6.19 -7.14 -7.82
CA THR B 235 -6.97 -7.92 -8.76
C THR B 235 -6.25 -8.02 -10.09
N PHE B 236 -6.31 -9.21 -10.68
CA PHE B 236 -5.76 -9.51 -12.00
C PHE B 236 -6.88 -9.60 -13.03
N GLY B 237 -6.48 -9.61 -14.30
CA GLY B 237 -7.43 -9.81 -15.38
C GLY B 237 -7.87 -11.25 -15.51
N GLN B 238 -8.93 -11.44 -16.29
CA GLN B 238 -9.45 -12.79 -16.52
C GLN B 238 -8.48 -13.64 -17.31
N GLY B 239 -7.84 -13.06 -18.32
CA GLY B 239 -6.87 -13.80 -19.13
C GLY B 239 -7.04 -13.63 -20.62
N THR B 240 -5.95 -13.26 -21.30
CA THR B 240 -5.94 -13.09 -22.75
C THR B 240 -4.90 -14.03 -23.33
N LYS B 241 -5.35 -15.05 -24.05
CA LYS B 241 -4.45 -15.99 -24.69
C LYS B 241 -4.29 -15.65 -26.16
N LEU B 242 -3.09 -15.89 -26.68
CA LEU B 242 -2.76 -15.62 -28.07
C LEU B 242 -2.60 -16.94 -28.82
N GLU B 243 -3.17 -17.00 -30.02
CA GLU B 243 -3.25 -18.25 -30.76
C GLU B 243 -3.07 -17.95 -32.24
N ILE B 244 -2.75 -18.99 -33.01
CA ILE B 244 -2.50 -18.87 -34.44
C ILE B 244 -3.75 -19.30 -35.20
N LYS B 245 -4.21 -18.46 -36.11
CA LYS B 245 -5.39 -18.75 -36.91
C LYS B 245 -5.14 -19.94 -37.83
C1 NAG C . -9.26 29.93 7.42
C2 NAG C . -9.60 31.40 7.68
C3 NAG C . -10.53 31.54 8.88
C4 NAG C . -11.75 30.64 8.72
C5 NAG C . -11.31 29.21 8.43
C6 NAG C . -12.47 28.28 8.13
C7 NAG C . -7.49 32.02 8.84
C8 NAG C . -6.33 32.97 8.84
N2 NAG C . -8.40 32.21 7.86
O3 NAG C . -10.94 32.89 9.01
O4 NAG C . -12.53 30.66 9.90
O5 NAG C . -10.46 29.17 7.27
O6 NAG C . -12.58 28.01 6.75
O7 NAG C . -7.62 31.14 9.68
#